data_6GZN
#
_entry.id   6GZN
#
_entity_poly.entity_id   1
_entity_poly.type   'polydeoxyribonucleotide'
_entity_poly.pdbx_seq_one_letter_code
;(DG)(DG)(DG)(DT)(DA)(DG)(DG)(DG)(DA)(DG)(DC)(DG)(DG)(DG)(DA)(DG)(DA)(DG)(DG)(DG)
;
_entity_poly.pdbx_strand_id   A
#